data_4IKC
#
_entry.id   4IKC
#
_cell.length_a   77.580
_cell.length_b   77.580
_cell.length_c   85.240
_cell.angle_alpha   90.00
_cell.angle_beta   90.00
_cell.angle_gamma   120.00
#
_symmetry.space_group_name_H-M   'P 64'
#
loop_
_entity.id
_entity.type
_entity.pdbx_description
1 polymer 'Phosphotidylinositol phosphatase PTPRQ'
2 non-polymer 'SULFATE ION'
3 non-polymer 'CHLORIDE ION'
4 water water
#
_entity_poly.entity_id   1
_entity_poly.type   'polypeptide(L)'
_entity_poly.pdbx_seq_one_letter_code
;HMPISKKSFLQHVEELCTNNNLKFQEEFSELPKFLQDLSSTDADLPWNRAKNRFPNIKPYNNNRVKLIADASVPGSDYIN
ASYISGYLCPNEFIATQGPLPGTVGDFWRMVWETRAKTLVMLTQCFEKGRIRCHQYWPEDNKPVTVFGDIVITKLMEDVQ
IDWTIRDLKIERHGDCMTVRQCNFTAWPEHGVPENSAPLIHFVKLVRASRAHDTTPMIVHSSAGVGRTGVFIALDHLTQH
INDHDFVDIYGLVAELRSERMCMVQNLAQYIFLHQCILDLL
;
_entity_poly.pdbx_strand_id   A
#
# COMPACT_ATOMS: atom_id res chain seq x y z
N HIS A 1 3.28 24.35 -12.65
CA HIS A 1 3.69 23.29 -11.72
C HIS A 1 5.15 22.87 -11.98
N MET A 2 5.89 22.74 -10.89
CA MET A 2 7.31 22.40 -10.94
C MET A 2 7.64 21.68 -9.66
N PRO A 3 8.63 20.78 -9.69
CA PRO A 3 9.23 20.33 -8.45
C PRO A 3 9.75 21.52 -7.62
N ILE A 4 10.01 21.23 -6.35
CA ILE A 4 10.45 22.25 -5.38
C ILE A 4 11.90 21.93 -4.97
N SER A 5 12.80 22.92 -5.00
CA SER A 5 14.17 22.64 -4.59
C SER A 5 14.23 22.35 -3.11
N LYS A 6 15.14 21.49 -2.68
CA LYS A 6 15.39 21.27 -1.25
C LYS A 6 15.56 22.58 -0.50
N LYS A 7 16.32 23.52 -1.07
CA LYS A 7 16.59 24.79 -0.39
C LYS A 7 15.32 25.63 -0.17
N SER A 8 14.38 25.52 -1.10
CA SER A 8 13.12 26.26 -1.03
C SER A 8 12.03 25.52 -0.28
N PHE A 9 12.25 24.27 0.13
CA PHE A 9 11.12 23.45 0.55
C PHE A 9 10.44 23.95 1.83
N LEU A 10 11.22 24.41 2.81
CA LEU A 10 10.59 24.86 4.06
C LEU A 10 9.73 26.11 3.81
N GLN A 11 10.25 27.05 3.05
CA GLN A 11 9.47 28.23 2.67
C GLN A 11 8.19 27.86 1.90
N HIS A 12 8.30 26.88 1.02
CA HIS A 12 7.15 26.38 0.27
C HIS A 12 6.08 25.87 1.22
N VAL A 13 6.45 25.02 2.17
CA VAL A 13 5.50 24.49 3.12
C VAL A 13 4.90 25.59 4.00
N GLU A 14 5.72 26.55 4.42
CA GLU A 14 5.21 27.65 5.25
C GLU A 14 4.15 28.44 4.51
N GLU A 15 4.35 28.66 3.22
CA GLU A 15 3.38 29.36 2.41
C GLU A 15 2.08 28.54 2.28
N LEU A 16 2.20 27.22 2.16
CA LEU A 16 1.02 26.39 2.02
C LEU A 16 0.20 26.35 3.31
N CYS A 17 0.89 26.51 4.44
CA CYS A 17 0.25 26.44 5.75
C CYS A 17 -0.43 27.74 6.17
N THR A 18 -0.05 28.86 5.59
CA THR A 18 -0.59 30.15 6.07
C THR A 18 -2.09 30.28 5.78
N ASN A 19 -2.77 31.24 6.45
CA ASN A 19 -4.22 31.42 6.27
C ASN A 19 -5.04 30.12 6.39
N ASN A 20 -4.72 29.35 7.43
CA ASN A 20 -5.40 28.11 7.71
C ASN A 20 -5.26 27.07 6.60
N ASN A 21 -4.02 26.80 6.19
CA ASN A 21 -3.73 25.86 5.13
C ASN A 21 -4.50 26.19 3.87
N LEU A 22 -4.77 27.47 3.62
CA LEU A 22 -5.51 27.87 2.43
C LEU A 22 -4.92 27.24 1.16
N LYS A 23 -3.63 27.45 0.90
CA LYS A 23 -3.03 26.99 -0.34
C LYS A 23 -2.82 25.46 -0.31
N PHE A 24 -2.58 24.91 0.87
CA PHE A 24 -2.46 23.45 1.00
C PHE A 24 -3.77 22.83 0.54
N GLN A 25 -4.90 23.38 1.00
CA GLN A 25 -6.23 22.83 0.67
C GLN A 25 -6.54 23.05 -0.79
N GLU A 26 -6.25 24.26 -1.28
CA GLU A 26 -6.48 24.56 -2.69
C GLU A 26 -5.74 23.56 -3.58
N GLU A 27 -4.44 23.39 -3.32
CA GLU A 27 -3.59 22.46 -4.02
C GLU A 27 -4.13 21.02 -3.99
N PHE A 28 -4.44 20.54 -2.80
CA PHE A 28 -4.88 19.15 -2.63
C PHE A 28 -6.22 18.94 -3.36
N SER A 29 -7.09 19.96 -3.34
CA SER A 29 -8.36 19.92 -4.06
C SER A 29 -8.18 20.00 -5.58
N GLU A 30 -7.02 20.44 -6.06
CA GLU A 30 -6.71 20.40 -7.49
C GLU A 30 -6.50 18.99 -8.04
N LEU A 31 -5.97 18.10 -7.22
CA LEU A 31 -5.72 16.72 -7.62
C LEU A 31 -7.06 15.99 -7.76
N PRO A 32 -7.40 15.55 -8.98
CA PRO A 32 -8.58 14.67 -9.05
C PRO A 32 -8.31 13.34 -8.33
N LYS A 33 -9.39 12.71 -7.94
CA LYS A 33 -9.35 11.50 -7.15
C LYS A 33 -8.92 10.36 -8.04
N PHE A 34 -9.22 10.49 -9.32
CA PHE A 34 -8.97 9.41 -10.27
C PHE A 34 -8.69 10.04 -11.61
N LEU A 35 -8.12 9.24 -12.49
CA LEU A 35 -7.83 9.69 -13.81
C LEU A 35 -9.04 9.47 -14.68
N GLN A 36 -9.46 10.60 -15.25
CA GLN A 36 -10.44 10.65 -16.31
C GLN A 36 -10.08 9.67 -17.41
N ASP A 37 -11.06 8.81 -17.71
CA ASP A 37 -11.02 7.88 -18.83
C ASP A 37 -10.19 6.60 -18.61
N LEU A 38 -9.89 6.24 -17.36
CA LEU A 38 -9.41 4.90 -17.07
C LEU A 38 -10.54 4.15 -16.41
N SER A 39 -10.96 3.07 -17.05
CA SER A 39 -12.15 2.33 -16.62
C SER A 39 -11.84 1.56 -15.36
N SER A 40 -12.88 1.48 -14.50
CA SER A 40 -12.86 0.58 -13.34
C SER A 40 -14.10 -0.28 -13.35
N THR A 41 -14.64 -0.56 -14.54
CA THR A 41 -15.88 -1.31 -14.62
C THR A 41 -15.74 -2.74 -14.12
N ASP A 42 -14.56 -3.38 -14.20
CA ASP A 42 -14.45 -4.76 -13.74
C ASP A 42 -14.84 -4.85 -12.27
N ALA A 43 -14.39 -3.86 -11.50
CA ALA A 43 -14.63 -3.81 -10.06
C ALA A 43 -16.09 -3.59 -9.73
N ASP A 44 -16.84 -3.06 -10.69
CA ASP A 44 -18.28 -2.77 -10.52
C ASP A 44 -19.19 -3.90 -11.01
N LEU A 45 -18.62 -4.96 -11.57
CA LEU A 45 -19.44 -6.05 -12.05
C LEU A 45 -20.15 -6.70 -10.86
N PRO A 46 -21.37 -7.18 -11.07
CA PRO A 46 -22.18 -7.66 -9.94
C PRO A 46 -21.48 -8.73 -9.11
N TRP A 47 -20.77 -9.62 -9.76
CA TRP A 47 -20.10 -10.74 -9.10
C TRP A 47 -18.84 -10.34 -8.36
N ASN A 48 -18.38 -9.11 -8.55
CA ASN A 48 -17.20 -8.61 -7.87
C ASN A 48 -17.52 -7.58 -6.76
N ARG A 49 -18.74 -7.08 -6.67
CA ARG A 49 -18.97 -5.93 -5.80
C ARG A 49 -18.76 -6.26 -4.30
N ALA A 50 -19.07 -7.49 -3.90
CA ALA A 50 -18.88 -7.91 -2.50
C ALA A 50 -17.43 -8.17 -2.15
N LYS A 51 -16.51 -7.98 -3.12
CA LYS A 51 -15.09 -8.17 -2.87
C LYS A 51 -14.39 -6.85 -2.59
N ASN A 52 -15.18 -5.77 -2.58
CA ASN A 52 -14.66 -4.40 -2.33
C ASN A 52 -15.19 -3.91 -1.00
N ARG A 53 -14.28 -3.51 -0.10
CA ARG A 53 -14.75 -2.99 1.19
C ARG A 53 -15.53 -1.66 1.03
N PHE A 54 -15.10 -0.81 0.10
CA PHE A 54 -15.71 0.53 -0.09
C PHE A 54 -16.19 0.63 -1.54
N PRO A 55 -17.45 1.00 -1.74
CA PRO A 55 -17.93 0.94 -3.13
C PRO A 55 -17.28 1.98 -4.02
N ASN A 56 -16.72 3.03 -3.43
CA ASN A 56 -16.08 4.07 -4.21
C ASN A 56 -14.57 3.95 -4.34
N ILE A 57 -13.98 2.84 -3.91
CA ILE A 57 -12.55 2.65 -4.04
C ILE A 57 -12.32 1.35 -4.78
N LYS A 58 -11.92 1.49 -6.04
CA LYS A 58 -11.83 0.37 -6.97
C LYS A 58 -10.56 0.46 -7.75
N PRO A 59 -9.95 -0.68 -8.12
CA PRO A 59 -8.78 -0.65 -9.03
C PRO A 59 -9.25 -0.41 -10.43
N TYR A 60 -8.35 0.18 -11.22
CA TYR A 60 -8.58 0.30 -12.63
C TYR A 60 -8.44 -1.05 -13.33
N ASN A 61 -9.20 -1.23 -14.41
CA ASN A 61 -9.14 -2.46 -15.17
C ASN A 61 -7.71 -2.78 -15.63
N ASN A 62 -6.99 -1.76 -16.12
CA ASN A 62 -5.74 -2.07 -16.80
C ASN A 62 -4.61 -2.59 -15.91
N ASN A 63 -4.57 -2.22 -14.63
CA ASN A 63 -3.45 -2.59 -13.78
C ASN A 63 -3.89 -3.25 -12.48
N ARG A 64 -5.17 -3.68 -12.43
CA ARG A 64 -5.56 -4.49 -11.28
C ARG A 64 -4.80 -5.82 -11.37
N VAL A 65 -4.54 -6.41 -10.21
CA VAL A 65 -3.83 -7.69 -10.18
C VAL A 65 -4.82 -8.80 -10.59
N LYS A 66 -4.52 -9.47 -11.68
CA LYS A 66 -5.42 -10.49 -12.18
C LYS A 66 -4.96 -11.84 -11.68
N LEU A 67 -5.85 -12.49 -10.94
CA LEU A 67 -5.62 -13.86 -10.48
C LEU A 67 -5.89 -14.82 -11.64
N ILE A 68 -5.31 -16.02 -11.58
CA ILE A 68 -5.57 -17.02 -12.62
C ILE A 68 -7.06 -17.33 -12.64
N ALA A 69 -7.63 -17.21 -13.84
CA ALA A 69 -9.07 -17.32 -14.04
C ALA A 69 -9.51 -18.74 -14.32
N ASP A 70 -10.68 -19.06 -13.82
CA ASP A 70 -11.42 -20.27 -14.21
C ASP A 70 -12.48 -19.73 -15.19
N ALA A 71 -12.40 -20.17 -16.44
CA ALA A 71 -13.26 -19.64 -17.50
C ALA A 71 -14.74 -19.80 -17.17
N SER A 72 -15.05 -20.74 -16.29
CA SER A 72 -16.43 -21.03 -15.96
C SER A 72 -16.89 -20.30 -14.71
N VAL A 73 -16.02 -19.47 -14.13
CA VAL A 73 -16.42 -18.72 -12.93
C VAL A 73 -16.11 -17.22 -13.10
N PRO A 74 -17.12 -16.43 -13.51
CA PRO A 74 -16.94 -15.00 -13.58
C PRO A 74 -16.43 -14.40 -12.27
N GLY A 75 -15.42 -13.57 -12.42
CA GLY A 75 -14.84 -12.90 -11.28
C GLY A 75 -13.74 -13.67 -10.60
N SER A 76 -13.46 -14.89 -11.05
CA SER A 76 -12.36 -15.64 -10.45
C SER A 76 -11.02 -14.98 -10.61
N ASP A 77 -10.88 -14.03 -11.53
CA ASP A 77 -9.65 -13.30 -11.68
C ASP A 77 -9.54 -12.05 -10.81
N TYR A 78 -10.55 -11.75 -9.96
CA TYR A 78 -10.64 -10.44 -9.35
C TYR A 78 -10.21 -10.35 -7.89
N ILE A 79 -9.41 -9.34 -7.62
CA ILE A 79 -9.13 -8.89 -6.26
C ILE A 79 -8.98 -7.36 -6.32
N ASN A 80 -9.40 -6.70 -5.24
CA ASN A 80 -9.23 -5.23 -5.17
C ASN A 80 -7.79 -4.92 -4.80
N ALA A 81 -6.97 -4.88 -5.84
CA ALA A 81 -5.52 -4.72 -5.69
C ALA A 81 -4.98 -4.17 -6.99
N SER A 82 -4.02 -3.25 -6.88
CA SER A 82 -3.44 -2.54 -8.02
C SER A 82 -1.93 -2.64 -8.00
N TYR A 83 -1.34 -2.86 -9.16
CA TYR A 83 0.10 -2.68 -9.31
C TYR A 83 0.43 -1.20 -9.23
N ILE A 84 1.49 -0.87 -8.48
CA ILE A 84 1.96 0.49 -8.31
C ILE A 84 3.45 0.49 -8.58
N SER A 85 3.94 1.45 -9.35
CA SER A 85 5.35 1.53 -9.63
C SER A 85 6.11 1.86 -8.36
N GLY A 86 7.31 1.31 -8.29
CA GLY A 86 8.29 1.76 -7.29
C GLY A 86 9.21 2.78 -7.92
N TYR A 87 10.10 3.31 -7.08
CA TYR A 87 11.16 4.21 -7.57
C TYR A 87 12.05 3.58 -8.63
N LEU A 88 12.56 2.37 -8.45
CA LEU A 88 13.43 1.70 -9.47
C LEU A 88 12.82 0.65 -10.39
N CYS A 89 11.54 0.33 -10.23
CA CYS A 89 10.96 -0.51 -11.21
C CYS A 89 9.45 -0.45 -11.18
N PRO A 90 8.91 -0.76 -12.34
CA PRO A 90 7.48 -0.77 -12.46
C PRO A 90 7.00 -1.99 -11.69
N ASN A 91 5.77 -1.89 -11.19
CA ASN A 91 5.12 -3.05 -10.59
C ASN A 91 5.82 -3.56 -9.32
N GLU A 92 6.55 -2.68 -8.66
CA GLU A 92 7.26 -3.06 -7.44
C GLU A 92 6.31 -3.37 -6.29
N PHE A 93 5.18 -2.67 -6.27
CA PHE A 93 4.23 -2.78 -5.18
C PHE A 93 2.90 -3.27 -5.70
N ILE A 94 2.15 -3.92 -4.81
CA ILE A 94 0.71 -4.07 -5.00
C ILE A 94 0.03 -3.35 -3.85
N ALA A 95 -0.84 -2.38 -4.13
CA ALA A 95 -1.66 -1.70 -3.13
C ALA A 95 -3.00 -2.38 -3.09
N THR A 96 -3.36 -2.83 -1.90
CA THR A 96 -4.60 -3.57 -1.72
C THR A 96 -5.25 -3.26 -0.39
N GLN A 97 -6.53 -3.54 -0.29
CA GLN A 97 -7.22 -3.48 0.99
C GLN A 97 -6.82 -4.71 1.82
N GLY A 98 -6.85 -4.57 3.14
CA GLY A 98 -6.80 -5.77 3.98
C GLY A 98 -7.96 -6.67 3.58
N PRO A 99 -7.76 -8.00 3.59
CA PRO A 99 -8.83 -8.84 3.05
C PRO A 99 -10.10 -8.76 3.87
N LEU A 100 -11.22 -8.92 3.17
CA LEU A 100 -12.48 -9.21 3.82
C LEU A 100 -12.48 -10.71 4.18
N PRO A 101 -13.36 -11.10 5.10
CA PRO A 101 -13.31 -12.54 5.42
C PRO A 101 -13.40 -13.45 4.22
N GLY A 102 -14.24 -13.06 3.28
CA GLY A 102 -14.46 -13.82 2.07
C GLY A 102 -13.43 -13.67 0.98
N THR A 103 -12.48 -12.74 1.17
CA THR A 103 -11.39 -12.59 0.22
C THR A 103 -10.01 -12.95 0.79
N VAL A 104 -9.98 -13.54 2.00
CA VAL A 104 -8.71 -14.04 2.55
C VAL A 104 -8.05 -15.06 1.60
N GLY A 105 -8.84 -16.03 1.11
CA GLY A 105 -8.28 -17.00 0.18
C GLY A 105 -7.73 -16.33 -1.06
N ASP A 106 -8.48 -15.36 -1.60
CA ASP A 106 -8.03 -14.63 -2.80
C ASP A 106 -6.71 -13.91 -2.53
N PHE A 107 -6.61 -13.29 -1.36
CA PHE A 107 -5.39 -12.60 -0.94
C PHE A 107 -4.22 -13.55 -0.96
N TRP A 108 -4.37 -14.74 -0.37
CA TRP A 108 -3.27 -15.70 -0.40
C TRP A 108 -3.00 -16.27 -1.77
N ARG A 109 -4.03 -16.44 -2.59
CA ARG A 109 -3.82 -16.81 -3.98
C ARG A 109 -3.00 -15.76 -4.73
N MET A 110 -3.26 -14.48 -4.45
CA MET A 110 -2.45 -13.39 -5.00
C MET A 110 -0.98 -13.48 -4.57
N VAL A 111 -0.77 -13.65 -3.28
CA VAL A 111 0.58 -13.87 -2.76
C VAL A 111 1.26 -15.02 -3.49
N TRP A 112 0.57 -16.15 -3.62
CA TRP A 112 1.16 -17.31 -4.27
C TRP A 112 1.50 -17.05 -5.73
N GLU A 113 0.53 -16.55 -6.47
CA GLU A 113 0.69 -16.42 -7.91
C GLU A 113 1.68 -15.34 -8.32
N THR A 114 1.79 -14.28 -7.50
CA THR A 114 2.75 -13.19 -7.76
C THR A 114 4.12 -13.50 -7.15
N ARG A 115 4.19 -14.55 -6.37
CA ARG A 115 5.40 -14.98 -5.66
C ARG A 115 5.90 -13.90 -4.72
N ALA A 116 4.99 -13.10 -4.18
CA ALA A 116 5.35 -12.06 -3.24
C ALA A 116 5.94 -12.64 -1.95
N LYS A 117 7.09 -12.10 -1.55
CA LYS A 117 7.77 -12.60 -0.34
C LYS A 117 7.69 -11.64 0.83
N THR A 118 7.10 -10.46 0.61
CA THR A 118 6.98 -9.45 1.66
C THR A 118 5.58 -8.85 1.66
N LEU A 119 4.95 -8.77 2.84
CA LEU A 119 3.68 -8.08 3.03
C LEU A 119 3.92 -6.93 3.98
N VAL A 120 3.27 -5.80 3.74
CA VAL A 120 3.31 -4.65 4.64
C VAL A 120 1.91 -4.33 5.09
N MET A 121 1.66 -4.51 6.38
CA MET A 121 0.34 -4.28 6.98
C MET A 121 0.40 -3.01 7.84
N LEU A 122 -0.49 -2.06 7.55
CA LEU A 122 -0.42 -0.74 8.18
C LEU A 122 -1.49 -0.47 9.22
N THR A 123 -2.21 -1.53 9.56
CA THR A 123 -3.29 -1.45 10.54
C THR A 123 -3.02 -2.46 11.64
N GLN A 124 -3.75 -2.32 12.73
CA GLN A 124 -3.93 -3.39 13.70
C GLN A 124 -5.40 -3.35 14.16
N CYS A 125 -6.12 -4.48 14.16
CA CYS A 125 -5.61 -5.73 13.64
C CYS A 125 -6.69 -6.59 12.99
N CYS A 133 -11.28 -5.39 10.49
CA CYS A 133 -9.87 -5.71 10.25
C CYS A 133 -9.59 -7.17 10.61
N HIS A 134 -9.37 -8.01 9.61
CA HIS A 134 -9.34 -9.47 9.78
C HIS A 134 -7.98 -10.08 9.75
N GLN A 135 -7.76 -10.93 10.75
CA GLN A 135 -6.53 -11.62 10.80
C GLN A 135 -6.60 -12.74 9.78
N TYR A 136 -5.71 -12.64 8.81
CA TYR A 136 -5.64 -13.57 7.73
C TYR A 136 -4.48 -14.54 7.84
N TRP A 137 -3.74 -14.47 8.94
CA TRP A 137 -2.64 -15.39 9.21
C TRP A 137 -3.01 -16.22 10.46
N PRO A 138 -2.36 -17.38 10.64
CA PRO A 138 -2.72 -18.31 11.74
C PRO A 138 -2.34 -17.82 13.13
N GLU A 139 -3.12 -18.21 14.12
CA GLU A 139 -2.85 -17.90 15.52
C GLU A 139 -1.77 -18.84 16.05
N ASP A 140 -1.04 -18.41 17.08
CA ASP A 140 -0.01 -19.26 17.69
C ASP A 140 -0.57 -20.61 18.14
N ASN A 141 -1.86 -20.63 18.48
CA ASN A 141 -2.53 -21.78 19.05
C ASN A 141 -3.27 -22.62 18.01
N LYS A 142 -3.30 -22.12 16.77
CA LYS A 142 -3.90 -22.80 15.64
C LYS A 142 -3.09 -22.43 14.40
N PRO A 143 -1.80 -22.82 14.39
CA PRO A 143 -0.73 -22.25 13.56
C PRO A 143 -0.74 -22.69 12.10
N VAL A 144 -1.69 -23.55 11.71
CA VAL A 144 -1.89 -23.98 10.32
C VAL A 144 -3.30 -23.65 9.87
N THR A 145 -3.41 -23.01 8.69
CA THR A 145 -4.72 -22.70 8.14
C THR A 145 -4.73 -23.08 6.66
N VAL A 146 -5.92 -23.39 6.16
CA VAL A 146 -6.09 -23.89 4.81
C VAL A 146 -7.08 -23.03 4.09
N PHE A 147 -6.66 -22.54 2.92
CA PHE A 147 -7.55 -21.87 1.94
C PHE A 147 -7.51 -22.54 0.56
N GLY A 148 -8.53 -23.31 0.22
CA GLY A 148 -8.50 -24.08 -1.02
C GLY A 148 -7.36 -25.11 -1.02
N ASP A 149 -6.42 -25.03 -1.97
CA ASP A 149 -5.26 -25.94 -1.97
C ASP A 149 -4.01 -25.26 -1.41
N ILE A 150 -4.17 -24.03 -0.91
CA ILE A 150 -3.11 -23.28 -0.29
C ILE A 150 -3.12 -23.47 1.24
N VAL A 151 -1.96 -23.81 1.80
CA VAL A 151 -1.80 -23.99 3.21
C VAL A 151 -0.79 -23.00 3.75
N ILE A 152 -1.17 -22.32 4.84
CA ILE A 152 -0.32 -21.35 5.52
C ILE A 152 0.12 -21.86 6.90
N THR A 153 1.40 -21.74 7.21
CA THR A 153 1.91 -22.16 8.53
C THR A 153 2.63 -21.00 9.14
N LYS A 154 2.27 -20.61 10.35
CA LYS A 154 3.04 -19.57 11.04
C LYS A 154 4.36 -20.15 11.54
N LEU A 155 5.45 -19.47 11.20
CA LEU A 155 6.80 -19.94 11.53
C LEU A 155 7.41 -19.19 12.70
N MET A 156 7.19 -17.89 12.76
CA MET A 156 7.79 -17.07 13.81
C MET A 156 7.08 -15.74 13.91
N GLU A 157 7.12 -15.17 15.12
CA GLU A 157 6.65 -13.83 15.38
C GLU A 157 7.66 -13.06 16.23
N ASP A 158 7.87 -11.79 15.89
CA ASP A 158 8.84 -10.94 16.56
C ASP A 158 8.20 -9.59 16.81
N VAL A 159 7.76 -9.37 18.05
CA VAL A 159 7.08 -8.15 18.43
C VAL A 159 8.11 -7.10 18.90
N GLN A 160 8.20 -6.02 18.15
CA GLN A 160 9.03 -4.87 18.49
C GLN A 160 8.12 -3.73 18.89
N ILE A 161 8.68 -2.62 19.35
CA ILE A 161 7.87 -1.53 19.89
C ILE A 161 6.91 -0.90 18.90
N ASP A 162 7.37 -0.68 17.66
CA ASP A 162 6.55 0.02 16.68
C ASP A 162 6.12 -0.85 15.52
N TRP A 163 6.52 -2.13 15.54
CA TRP A 163 6.09 -3.09 14.50
C TRP A 163 6.31 -4.51 14.95
N THR A 164 5.59 -5.42 14.30
CA THR A 164 5.71 -6.85 14.54
C THR A 164 6.02 -7.52 13.21
N ILE A 165 7.01 -8.41 13.22
CA ILE A 165 7.41 -9.15 12.02
C ILE A 165 6.92 -10.60 12.19
N ARG A 166 6.27 -11.14 11.16
CA ARG A 166 5.85 -12.51 11.21
C ARG A 166 6.32 -13.23 9.96
N ASP A 167 6.92 -14.40 10.10
CA ASP A 167 7.29 -15.23 8.95
C ASP A 167 6.27 -16.36 8.80
N LEU A 168 5.81 -16.56 7.57
CA LEU A 168 4.76 -17.52 7.27
C LEU A 168 5.28 -18.41 6.14
N LYS A 169 4.98 -19.71 6.21
CA LYS A 169 5.19 -20.59 5.06
C LYS A 169 3.88 -20.67 4.29
N ILE A 170 3.96 -20.47 2.98
CA ILE A 170 2.85 -20.74 2.09
C ILE A 170 3.23 -21.89 1.14
N GLU A 171 2.30 -22.81 0.96
CA GLU A 171 2.56 -23.95 0.10
C GLU A 171 1.35 -24.29 -0.76
N ARG A 172 1.61 -24.85 -1.94
CA ARG A 172 0.56 -25.35 -2.78
C ARG A 172 1.13 -26.53 -3.59
N HIS A 173 0.49 -27.68 -3.47
CA HIS A 173 0.90 -28.90 -4.15
C HIS A 173 2.36 -29.25 -3.91
N GLY A 174 2.86 -28.92 -2.72
CA GLY A 174 4.23 -29.26 -2.36
C GLY A 174 5.29 -28.24 -2.66
N ASP A 175 5.04 -27.33 -3.61
CA ASP A 175 5.89 -26.17 -3.83
C ASP A 175 5.68 -25.25 -2.58
N CYS A 176 6.69 -24.48 -2.20
CA CYS A 176 6.50 -23.63 -1.01
C CYS A 176 7.39 -22.41 -1.06
N MET A 177 7.05 -21.42 -0.23
CA MET A 177 7.75 -20.15 -0.19
C MET A 177 7.64 -19.66 1.25
N THR A 178 8.64 -18.91 1.71
CA THR A 178 8.50 -18.20 2.98
C THR A 178 8.16 -16.72 2.72
N VAL A 179 7.14 -16.24 3.42
CA VAL A 179 6.67 -14.84 3.30
C VAL A 179 6.89 -14.11 4.60
N ARG A 180 7.46 -12.91 4.56
CA ARG A 180 7.63 -12.10 5.75
C ARG A 180 6.59 -10.98 5.76
N GLN A 181 5.78 -10.97 6.81
CA GLN A 181 4.82 -9.89 7.02
C GLN A 181 5.43 -8.87 7.95
N CYS A 182 5.47 -7.62 7.50
CA CYS A 182 5.97 -6.48 8.30
C CYS A 182 4.78 -5.63 8.70
N ASN A 183 4.40 -5.66 9.97
CA ASN A 183 3.14 -5.06 10.41
C ASN A 183 3.49 -3.85 11.26
N PHE A 184 3.31 -2.65 10.71
CA PHE A 184 3.48 -1.41 11.44
C PHE A 184 2.35 -1.25 12.44
N THR A 185 2.71 -1.07 13.72
CA THR A 185 1.72 -1.05 14.79
C THR A 185 1.57 0.32 15.46
N ALA A 186 2.29 1.33 14.96
CA ALA A 186 2.35 2.65 15.63
C ALA A 186 1.60 3.77 14.89
N TRP A 187 0.61 3.40 14.07
CA TRP A 187 -0.25 4.39 13.42
C TRP A 187 -1.44 4.67 14.33
N PRO A 188 -1.72 5.96 14.63
CA PRO A 188 -2.85 6.27 15.53
C PRO A 188 -4.23 5.94 14.96
N GLU A 189 -5.15 5.64 15.87
CA GLU A 189 -6.51 5.28 15.48
C GLU A 189 -7.15 6.37 14.62
N HIS A 190 -6.87 7.63 14.94
CA HIS A 190 -7.40 8.74 14.14
C HIS A 190 -6.28 9.67 13.70
N GLY A 191 -6.32 10.08 12.45
CA GLY A 191 -5.31 10.98 11.93
C GLY A 191 -3.99 10.29 11.61
N VAL A 192 -2.98 11.12 11.38
CA VAL A 192 -1.67 10.65 10.97
C VAL A 192 -0.71 10.65 12.17
N PRO A 193 0.41 9.91 12.05
CA PRO A 193 1.37 9.86 13.16
C PRO A 193 1.87 11.26 13.56
N GLU A 194 2.04 11.48 14.86
CA GLU A 194 2.48 12.78 15.33
C GLU A 194 3.97 12.95 15.09
N ASN A 195 4.66 11.81 15.02
CA ASN A 195 6.10 11.77 14.79
C ASN A 195 6.39 10.93 13.55
N SER A 196 7.17 11.46 12.63
CA SER A 196 7.48 10.73 11.40
C SER A 196 8.55 9.64 11.53
N ALA A 197 9.36 9.68 12.59
CA ALA A 197 10.54 8.81 12.63
C ALA A 197 10.27 7.31 12.62
N PRO A 198 9.32 6.83 13.45
CA PRO A 198 9.07 5.39 13.44
C PRO A 198 8.65 4.89 12.06
N LEU A 199 7.77 5.62 11.40
CA LEU A 199 7.31 5.16 10.08
C LEU A 199 8.45 5.17 9.07
N ILE A 200 9.28 6.22 9.12
CA ILE A 200 10.40 6.28 8.18
C ILE A 200 11.41 5.14 8.43
N HIS A 201 11.67 4.84 9.71
CA HIS A 201 12.50 3.68 10.06
C HIS A 201 11.91 2.39 9.50
N PHE A 202 10.60 2.23 9.65
CA PHE A 202 9.91 1.04 9.17
C PHE A 202 10.04 0.91 7.64
N VAL A 203 9.89 2.01 6.95
CA VAL A 203 10.06 2.00 5.49
C VAL A 203 11.44 1.46 5.15
N LYS A 204 12.47 1.96 5.84
CA LYS A 204 13.84 1.54 5.52
C LYS A 204 14.06 0.06 5.88
N LEU A 205 13.48 -0.38 6.99
CA LEU A 205 13.58 -1.78 7.42
C LEU A 205 12.97 -2.70 6.38
N VAL A 206 11.79 -2.33 5.91
CA VAL A 206 11.09 -3.15 4.93
C VAL A 206 11.94 -3.27 3.67
N ARG A 207 12.51 -2.16 3.20
CA ARG A 207 13.27 -2.19 1.97
C ARG A 207 14.49 -3.08 2.13
N ALA A 208 15.09 -3.07 3.30
CA ALA A 208 16.31 -3.81 3.53
C ALA A 208 16.03 -5.33 3.57
N SER A 209 14.77 -5.68 3.86
CA SER A 209 14.39 -7.07 4.00
C SER A 209 13.93 -7.71 2.67
N ARG A 210 13.80 -6.90 1.63
CA ARG A 210 13.11 -7.34 0.42
C ARG A 210 13.84 -8.41 -0.35
N ALA A 211 13.09 -9.28 -1.04
CA ALA A 211 13.68 -10.32 -1.88
C ALA A 211 14.42 -9.70 -3.07
N HIS A 212 15.55 -10.29 -3.40
CA HIS A 212 16.33 -9.76 -4.50
C HIS A 212 15.93 -10.46 -5.80
N ASP A 213 14.63 -10.37 -6.08
CA ASP A 213 14.05 -10.82 -7.32
C ASP A 213 13.08 -9.73 -7.80
N THR A 214 12.34 -10.00 -8.85
CA THR A 214 11.45 -8.98 -9.41
C THR A 214 10.02 -9.11 -8.89
N THR A 215 9.86 -9.78 -7.76
CA THR A 215 8.52 -10.02 -7.22
C THR A 215 8.07 -8.81 -6.40
N PRO A 216 6.75 -8.59 -6.36
CA PRO A 216 6.22 -7.37 -5.72
C PRO A 216 6.14 -7.50 -4.23
N MET A 217 6.06 -6.35 -3.57
CA MET A 217 5.71 -6.28 -2.17
C MET A 217 4.25 -5.83 -2.07
N ILE A 218 3.47 -6.56 -1.27
CA ILE A 218 2.04 -6.25 -1.10
C ILE A 218 1.88 -5.35 0.11
N VAL A 219 1.26 -4.19 -0.06
CA VAL A 219 1.05 -3.20 0.99
C VAL A 219 -0.44 -3.04 1.17
N HIS A 220 -0.90 -3.10 2.41
CA HIS A 220 -2.33 -2.95 2.66
C HIS A 220 -2.72 -2.13 3.88
N SER A 221 -3.93 -1.57 3.76
CA SER A 221 -4.62 -0.81 4.81
C SER A 221 -6.14 -1.02 4.56
N SER A 222 -7.01 -0.39 5.34
CA SER A 222 -8.45 -0.73 5.23
C SER A 222 -8.97 -0.57 3.80
N ALA A 223 -8.68 0.56 3.16
CA ALA A 223 -9.12 0.81 1.78
C ALA A 223 -8.02 0.54 0.79
N GLY A 224 -6.79 0.40 1.25
CA GLY A 224 -5.65 0.27 0.35
C GLY A 224 -5.23 1.53 -0.40
N VAL A 225 -5.57 2.71 0.15
CA VAL A 225 -5.24 3.99 -0.50
C VAL A 225 -4.65 5.07 0.41
N GLY A 226 -5.02 5.08 1.68
CA GLY A 226 -4.67 6.20 2.57
C GLY A 226 -3.34 5.92 3.22
N ARG A 227 -3.34 5.05 4.22
CA ARG A 227 -2.06 4.67 4.84
C ARG A 227 -1.16 3.97 3.80
N THR A 228 -1.76 3.15 2.92
CA THR A 228 -1.01 2.49 1.86
C THR A 228 -0.35 3.50 0.92
N GLY A 229 -1.10 4.55 0.56
CA GLY A 229 -0.57 5.62 -0.28
C GLY A 229 0.56 6.38 0.38
N VAL A 230 0.41 6.70 1.66
CA VAL A 230 1.49 7.35 2.40
C VAL A 230 2.73 6.46 2.43
N PHE A 231 2.57 5.16 2.72
CA PHE A 231 3.74 4.29 2.79
C PHE A 231 4.48 4.23 1.44
N ILE A 232 3.75 3.98 0.37
CA ILE A 232 4.40 3.88 -0.94
C ILE A 232 5.00 5.22 -1.35
N ALA A 233 4.28 6.32 -1.10
CA ALA A 233 4.84 7.64 -1.40
C ALA A 233 6.15 7.87 -0.61
N LEU A 234 6.19 7.49 0.67
CA LEU A 234 7.41 7.66 1.45
C LEU A 234 8.55 6.78 0.96
N ASP A 235 8.26 5.56 0.51
CA ASP A 235 9.32 4.74 -0.02
C ASP A 235 9.93 5.39 -1.27
N HIS A 236 9.09 6.02 -2.09
CA HIS A 236 9.58 6.77 -3.22
C HIS A 236 10.41 7.97 -2.78
N LEU A 237 9.85 8.77 -1.88
CA LEU A 237 10.43 10.07 -1.57
C LEU A 237 11.76 9.91 -0.86
N THR A 238 11.87 8.91 0.02
CA THR A 238 13.12 8.66 0.75
C THR A 238 14.24 8.27 -0.19
N GLN A 239 13.95 7.53 -1.23
CA GLN A 239 14.96 7.19 -2.21
C GLN A 239 15.28 8.38 -3.09
N HIS A 240 14.25 9.10 -3.51
CA HIS A 240 14.41 10.23 -4.42
C HIS A 240 15.35 11.28 -3.87
N ILE A 241 15.18 11.63 -2.60
CA ILE A 241 15.98 12.72 -2.03
C ILE A 241 17.43 12.30 -1.83
N ASN A 242 17.75 11.00 -1.90
CA ASN A 242 19.17 10.59 -1.93
C ASN A 242 19.85 10.74 -3.28
N ASP A 243 19.05 10.87 -4.33
CA ASP A 243 19.59 10.98 -5.65
C ASP A 243 19.44 12.39 -6.24
N HIS A 244 18.52 13.22 -5.71
CA HIS A 244 18.17 14.52 -6.32
C HIS A 244 18.04 15.62 -5.31
N ASP A 245 18.16 16.88 -5.77
CA ASP A 245 18.07 18.05 -4.92
C ASP A 245 16.76 18.81 -5.10
N PHE A 246 15.72 18.08 -5.48
CA PHE A 246 14.38 18.67 -5.60
C PHE A 246 13.40 17.58 -5.29
N VAL A 247 12.16 17.97 -5.01
CA VAL A 247 11.13 17.01 -4.65
C VAL A 247 9.78 17.49 -5.16
N ASP A 248 8.96 16.55 -5.62
CA ASP A 248 7.67 16.87 -6.24
C ASP A 248 6.58 15.97 -5.63
N ILE A 249 6.12 16.31 -4.42
CA ILE A 249 5.10 15.50 -3.78
C ILE A 249 3.79 15.63 -4.57
N TYR A 250 3.42 16.84 -5.03
CA TYR A 250 2.20 17.00 -5.82
C TYR A 250 2.17 16.05 -7.02
N GLY A 251 3.26 16.05 -7.80
CA GLY A 251 3.33 15.20 -8.98
C GLY A 251 3.33 13.74 -8.64
N LEU A 252 4.02 13.40 -7.54
CA LEU A 252 4.01 12.00 -7.11
C LEU A 252 2.58 11.53 -6.78
N VAL A 253 1.83 12.32 -6.03
CA VAL A 253 0.47 11.92 -5.72
C VAL A 253 -0.40 11.81 -7.00
N ALA A 254 -0.25 12.74 -7.94
CA ALA A 254 -0.99 12.67 -9.19
C ALA A 254 -0.67 11.39 -9.95
N GLU A 255 0.61 10.97 -9.92
CA GLU A 255 1.00 9.69 -10.55
C GLU A 255 0.44 8.50 -9.80
N LEU A 256 0.49 8.51 -8.48
CA LEU A 256 -0.07 7.42 -7.70
C LEU A 256 -1.57 7.27 -7.96
N ARG A 257 -2.29 8.41 -8.07
CA ARG A 257 -3.73 8.37 -8.37
C ARG A 257 -4.02 7.88 -9.76
N SER A 258 -3.06 8.01 -10.67
CA SER A 258 -3.20 7.49 -12.01
C SER A 258 -3.05 5.94 -12.04
N GLU A 259 -2.49 5.38 -10.97
CA GLU A 259 -2.38 3.93 -10.81
C GLU A 259 -3.43 3.33 -9.88
N ARG A 260 -3.92 4.12 -8.92
CA ARG A 260 -5.02 3.66 -8.05
C ARG A 260 -5.71 4.87 -7.52
N MET A 261 -7.00 4.94 -7.76
CA MET A 261 -7.77 6.11 -7.32
C MET A 261 -7.65 6.36 -5.82
N CYS A 262 -7.63 7.64 -5.46
CA CYS A 262 -7.66 8.10 -4.07
C CYS A 262 -6.38 7.82 -3.25
N MET A 263 -5.30 7.36 -3.89
CA MET A 263 -4.02 7.23 -3.19
C MET A 263 -3.63 8.56 -2.52
N VAL A 264 -3.33 8.49 -1.23
CA VAL A 264 -3.20 9.64 -0.31
C VAL A 264 -4.57 10.30 -0.27
N GLN A 265 -5.41 9.79 0.60
CA GLN A 265 -6.83 10.03 0.56
C GLN A 265 -7.28 11.36 1.14
N ASN A 266 -6.54 11.92 2.09
CA ASN A 266 -7.00 13.15 2.72
C ASN A 266 -5.93 14.18 2.94
N LEU A 267 -6.33 15.40 3.29
CA LEU A 267 -5.40 16.51 3.40
C LEU A 267 -4.37 16.27 4.49
N ALA A 268 -4.77 15.69 5.62
CA ALA A 268 -3.81 15.40 6.68
C ALA A 268 -2.68 14.48 6.21
N GLN A 269 -3.01 13.49 5.38
CA GLN A 269 -1.98 12.58 4.85
C GLN A 269 -1.06 13.32 3.87
N TYR A 270 -1.64 14.19 3.05
CA TYR A 270 -0.87 15.01 2.11
C TYR A 270 0.11 15.91 2.87
N ILE A 271 -0.38 16.58 3.92
CA ILE A 271 0.46 17.45 4.73
C ILE A 271 1.54 16.62 5.45
N PHE A 272 1.17 15.44 5.93
CA PHE A 272 2.14 14.57 6.60
C PHE A 272 3.31 14.20 5.69
N LEU A 273 3.05 13.95 4.42
CA LEU A 273 4.17 13.68 3.50
C LEU A 273 5.13 14.85 3.44
N HIS A 274 4.60 16.07 3.42
CA HIS A 274 5.48 17.23 3.43
C HIS A 274 6.27 17.34 4.75
N GLN A 275 5.61 17.02 5.86
CA GLN A 275 6.29 17.05 7.15
C GLN A 275 7.44 16.03 7.19
N CYS A 276 7.20 14.85 6.64
CA CYS A 276 8.25 13.86 6.57
C CYS A 276 9.46 14.38 5.81
N ILE A 277 9.24 15.00 4.66
CA ILE A 277 10.36 15.56 3.92
C ILE A 277 11.09 16.63 4.71
N LEU A 278 10.34 17.52 5.36
CA LEU A 278 10.97 18.51 6.22
C LEU A 278 11.86 17.85 7.26
N ASP A 279 11.37 16.78 7.88
CA ASP A 279 12.14 16.10 8.93
C ASP A 279 13.40 15.47 8.37
N LEU A 280 13.34 15.01 7.12
CA LEU A 280 14.47 14.37 6.48
C LEU A 280 15.54 15.34 5.99
N LEU A 281 15.17 16.59 5.76
CA LEU A 281 16.11 17.57 5.21
C LEU A 281 16.85 18.31 6.31
#